data_6TS4
#
_entry.id   6TS4
#
_cell.length_a   60.320
_cell.length_b   60.800
_cell.length_c   66.870
_cell.angle_alpha   90.000
_cell.angle_beta   90.000
_cell.angle_gamma   90.000
#
_symmetry.space_group_name_H-M   'P 21 21 21'
#
loop_
_entity.id
_entity.type
_entity.pdbx_description
1 polymer 'Coagulation factor XI'
2 non-polymer 'SULFATE ION'
3 non-polymer 'DIMETHYL SULFOXIDE'
4 non-polymer 'SODIUM ION'
5 non-polymer '2-[2-[[3-[3-(aminomethyl)phenyl]phenyl]carbonylamino]phenyl]ethanoic acid'
6 water water
#
_entity_poly.entity_id   1
_entity_poly.type   'polypeptide(L)'
_entity_poly.pdbx_seq_one_letter_code
;IVGGTASVRGEWPWQVTLHTTSPTQRHLCGGSIIGNQWILTAAHCFYGVESPKILRVYSGILNQSEIKEDTSFFGVQEII
IHDQYKMAESGYDIALLKLETTVNYTDSQRPISLPSKGDRNVIYTDCWVTGWGYRKLRDKIQNTLQKAKIPLVTNEECQK
RYRGHKITHKMICAGYREGGKDACKGDAGGPLSCKHNEVWHLVGITSWGEGCAQRERPGVYTNVVEYVDWILEKTQAV
;
_entity_poly.pdbx_strand_id   A
#
loop_
_chem_comp.id
_chem_comp.type
_chem_comp.name
_chem_comp.formula
DMS non-polymer 'DIMETHYL SULFOXIDE' 'C2 H6 O S'
J7B non-polymer '2-[2-[[3-[3-(aminomethyl)phenyl]phenyl]carbonylamino]phenyl]ethanoic acid' 'C22 H20 N2 O3'
NA non-polymer 'SODIUM ION' 'Na 1'
SO4 non-polymer 'SULFATE ION' 'O4 S -2'
#
# COMPACT_ATOMS: atom_id res chain seq x y z
N ILE A 1 1.50 3.42 -10.83
CA ILE A 1 0.69 2.36 -11.40
C ILE A 1 0.92 2.36 -12.90
N VAL A 2 1.23 1.17 -13.46
CA VAL A 2 1.37 0.95 -14.89
C VAL A 2 0.03 0.48 -15.43
N GLY A 3 -0.41 1.05 -16.55
CA GLY A 3 -1.63 0.60 -17.21
C GLY A 3 -2.93 0.88 -16.51
N GLY A 4 -2.92 1.82 -15.61
CA GLY A 4 -4.10 2.18 -14.85
C GLY A 4 -4.89 3.31 -15.46
N THR A 5 -5.93 3.68 -14.75
CA THR A 5 -6.77 4.80 -15.14
C THR A 5 -6.95 5.73 -13.93
N ALA A 6 -7.37 6.95 -14.20
CA ALA A 6 -7.58 7.93 -13.17
C ALA A 6 -8.72 7.55 -12.25
N SER A 7 -8.50 7.68 -10.96
CA SER A 7 -9.54 7.54 -9.98
C SER A 7 -10.33 8.83 -9.89
N VAL A 8 -11.43 8.80 -9.16
CA VAL A 8 -12.24 9.98 -8.92
C VAL A 8 -12.31 10.22 -7.41
N ARG A 9 -12.81 11.41 -7.04
CA ARG A 9 -12.93 11.76 -5.64
C ARG A 9 -13.82 10.76 -4.88
N GLY A 10 -13.36 10.32 -3.72
CA GLY A 10 -14.13 9.39 -2.90
C GLY A 10 -14.02 7.94 -3.31
N GLU A 11 -13.31 7.64 -4.40
CA GLU A 11 -13.26 6.26 -4.90
C GLU A 11 -12.49 5.30 -4.01
N TRP A 12 -11.37 5.78 -3.44
CA TRP A 12 -10.51 4.91 -2.59
C TRP A 12 -10.22 5.67 -1.30
N PRO A 13 -11.23 5.83 -0.43
CA PRO A 13 -11.10 6.78 0.70
C PRO A 13 -10.15 6.34 1.80
N TRP A 14 -9.68 5.08 1.77
CA TRP A 14 -8.66 4.62 2.71
C TRP A 14 -7.26 4.96 2.23
N GLN A 15 -7.07 5.32 0.96
CA GLN A 15 -5.74 5.58 0.44
C GLN A 15 -5.21 6.90 0.95
N VAL A 16 -4.00 6.88 1.49
CA VAL A 16 -3.31 8.11 1.88
C VAL A 16 -2.03 8.24 1.07
N THR A 17 -1.50 9.47 1.05
CA THR A 17 -0.19 9.77 0.50
C THR A 17 0.70 10.20 1.67
N LEU A 18 1.81 9.49 1.84
CA LEU A 18 2.79 9.78 2.87
CA LEU A 18 2.79 9.80 2.87
C LEU A 18 3.87 10.64 2.25
N HIS A 19 4.10 11.83 2.78
CA HIS A 19 5.14 12.72 2.28
C HIS A 19 6.28 12.77 3.27
N THR A 20 7.49 12.93 2.72
CA THR A 20 8.64 13.35 3.50
C THR A 20 8.79 14.84 3.28
N THR A 21 9.39 15.53 4.26
CA THR A 21 9.53 16.98 4.16
C THR A 21 10.93 17.50 4.11
N SER A 22 11.92 16.62 4.04
N SER A 22 11.92 16.61 4.04
CA SER A 22 13.33 16.98 3.93
CA SER A 22 13.34 16.94 3.97
C SER A 22 14.09 15.98 3.08
C SER A 22 14.09 15.96 3.07
N PRO A 23 15.01 16.44 2.23
CA PRO A 23 15.41 17.85 2.05
C PRO A 23 14.44 18.68 1.19
N THR A 24 13.45 18.03 0.54
CA THR A 24 12.33 18.66 -0.15
C THR A 24 11.06 17.95 0.30
N GLN A 25 9.90 18.55 0.06
CA GLN A 25 8.64 17.85 0.32
C GLN A 25 8.28 17.07 -0.92
N ARG A 26 8.05 15.78 -0.77
CA ARG A 26 7.59 14.91 -1.86
C ARG A 26 6.88 13.73 -1.33
N HIS A 27 6.07 13.13 -2.21
CA HIS A 27 5.37 11.89 -1.93
C HIS A 27 6.43 10.78 -1.84
N LEU A 28 6.35 10.01 -0.76
CA LEU A 28 7.25 8.91 -0.49
C LEU A 28 6.61 7.55 -0.80
N CYS A 29 5.40 7.33 -0.28
CA CYS A 29 4.77 6.01 -0.38
C CYS A 29 3.27 6.18 -0.19
N GLY A 30 2.54 5.13 -0.48
CA GLY A 30 1.14 5.06 -0.13
C GLY A 30 0.96 4.46 1.25
N GLY A 31 -0.28 4.41 1.68
CA GLY A 31 -0.70 3.78 2.93
C GLY A 31 -2.21 3.64 2.94
N SER A 32 -2.72 2.93 3.93
CA SER A 32 -4.16 2.74 4.07
C SER A 32 -4.61 3.06 5.47
N ILE A 33 -5.69 3.81 5.59
CA ILE A 33 -6.34 4.04 6.86
C ILE A 33 -6.99 2.73 7.32
N ILE A 34 -6.63 2.25 8.50
CA ILE A 34 -7.24 1.06 9.07
C ILE A 34 -7.93 1.33 10.41
N GLY A 35 -7.79 2.52 10.95
CA GLY A 35 -8.39 2.87 12.23
C GLY A 35 -8.27 4.36 12.40
N ASN A 36 -8.81 4.90 13.48
CA ASN A 36 -8.93 6.35 13.57
C ASN A 36 -7.60 7.06 13.76
N GLN A 37 -6.56 6.37 14.16
CA GLN A 37 -5.23 7.00 14.25
C GLN A 37 -4.17 6.09 13.65
N TRP A 38 -4.56 5.20 12.72
CA TRP A 38 -3.66 4.16 12.26
C TRP A 38 -3.60 4.04 10.77
N ILE A 39 -2.38 4.08 10.21
CA ILE A 39 -2.11 3.85 8.80
C ILE A 39 -1.30 2.57 8.69
N LEU A 40 -1.70 1.66 7.80
CA LEU A 40 -0.93 0.46 7.50
C LEU A 40 -0.17 0.72 6.21
N THR A 41 1.14 0.47 6.20
CA THR A 41 1.99 0.76 5.06
C THR A 41 3.14 -0.26 5.00
N ALA A 42 4.15 0.00 4.16
CA ALA A 42 5.28 -0.90 3.99
C ALA A 42 6.49 -0.40 4.77
N ALA A 43 7.15 -1.29 5.48
CA ALA A 43 8.36 -0.96 6.26
C ALA A 43 9.47 -0.37 5.40
N HIS A 44 9.63 -0.83 4.17
CA HIS A 44 10.76 -0.37 3.36
C HIS A 44 10.69 1.12 2.99
N CYS A 45 9.52 1.72 3.12
CA CYS A 45 9.33 3.13 2.85
C CYS A 45 10.17 3.98 3.77
N PHE A 46 10.58 3.47 4.94
CA PHE A 46 11.27 4.28 5.93
C PHE A 46 12.77 4.16 5.90
N TYR A 47 13.34 3.60 4.81
CA TYR A 47 14.80 3.51 4.67
C TYR A 47 15.41 4.92 4.75
N GLY A 48 16.40 5.08 5.63
CA GLY A 48 17.05 6.36 5.83
C GLY A 48 16.22 7.45 6.50
N VAL A 49 15.00 7.16 6.99
CA VAL A 49 14.16 8.17 7.66
C VAL A 49 14.63 8.26 9.08
N GLU A 50 15.16 9.43 9.49
CA GLU A 50 15.77 9.60 10.81
C GLU A 50 14.80 9.51 11.97
N SER A 51 13.58 9.97 11.75
CA SER A 51 12.57 9.98 12.80
C SER A 51 11.23 10.30 12.15
N PRO A 52 10.12 10.13 12.89
CA PRO A 52 8.83 10.52 12.35
C PRO A 52 8.65 12.01 12.14
N LYS A 53 9.56 12.85 12.62
CA LYS A 53 9.41 14.29 12.51
C LYS A 53 9.28 14.80 11.08
N ILE A 54 9.93 14.11 10.14
N ILE A 54 9.93 14.15 10.13
CA ILE A 54 9.94 14.51 8.74
CA ILE A 54 9.89 14.67 8.76
C ILE A 54 8.85 13.85 7.89
C ILE A 54 8.69 14.15 7.95
N LEU A 55 7.80 13.33 8.53
CA LEU A 55 6.68 12.75 7.79
C LEU A 55 5.41 13.55 7.94
N ARG A 56 4.59 13.52 6.89
CA ARG A 56 3.24 14.05 6.92
C ARG A 56 2.32 13.01 6.25
N VAL A 57 1.13 12.79 6.78
CA VAL A 57 0.15 11.92 6.13
C VAL A 57 -0.97 12.82 5.66
N TYR A 58 -1.28 12.73 4.37
CA TYR A 58 -2.40 13.45 3.79
C TYR A 58 -3.49 12.46 3.42
N SER A 59 -4.70 12.71 3.90
CA SER A 59 -5.87 11.92 3.57
C SER A 59 -6.81 12.74 2.70
N GLY A 60 -7.72 12.07 2.02
CA GLY A 60 -8.70 12.74 1.19
C GLY A 60 -8.13 13.41 -0.03
N ILE A 61 -6.96 12.97 -0.50
CA ILE A 61 -6.34 13.54 -1.67
C ILE A 61 -6.65 12.75 -2.93
N LEU A 62 -7.00 13.45 -4.01
CA LEU A 62 -7.12 12.81 -5.32
C LEU A 62 -5.88 13.18 -6.16
N ASN A 63 -5.62 14.50 -6.32
CA ASN A 63 -4.50 15.01 -7.07
C ASN A 63 -3.42 15.53 -6.15
N GLN A 64 -2.17 15.16 -6.40
CA GLN A 64 -1.05 15.67 -5.59
C GLN A 64 -0.99 17.21 -5.66
N SER A 65 -1.42 17.81 -6.79
CA SER A 65 -1.42 19.25 -6.98
C SER A 65 -2.37 19.96 -6.03
N GLU A 66 -3.31 19.25 -5.39
CA GLU A 66 -4.22 19.81 -4.39
C GLU A 66 -3.45 20.27 -3.18
N ILE A 67 -2.30 19.63 -2.87
CA ILE A 67 -1.57 19.88 -1.67
C ILE A 67 -0.83 21.20 -1.76
N LYS A 68 -1.29 22.17 -0.97
CA LYS A 68 -0.72 23.51 -0.89
C LYS A 68 -0.18 23.73 0.53
N GLU A 69 0.39 24.90 0.77
CA GLU A 69 0.99 25.21 2.06
C GLU A 69 0.00 25.30 3.21
N ASP A 70 -1.30 25.39 2.92
CA ASP A 70 -2.32 25.37 3.96
C ASP A 70 -3.17 24.10 3.92
N THR A 71 -2.76 23.06 3.19
CA THR A 71 -3.55 21.84 3.17
C THR A 71 -3.33 21.11 4.48
N SER A 72 -4.42 20.70 5.15
CA SER A 72 -4.31 19.96 6.40
C SER A 72 -3.67 18.59 6.18
N PHE A 73 -2.95 18.15 7.18
CA PHE A 73 -2.29 16.85 7.20
C PHE A 73 -2.17 16.40 8.64
N PHE A 74 -1.80 15.14 8.82
CA PHE A 74 -1.56 14.55 10.11
C PHE A 74 -0.07 14.39 10.34
N GLY A 75 0.38 14.81 11.51
CA GLY A 75 1.72 14.44 11.93
C GLY A 75 1.72 12.98 12.32
N VAL A 76 2.91 12.39 12.33
CA VAL A 76 3.13 10.99 12.70
C VAL A 76 3.73 10.92 14.08
N GLN A 77 3.03 10.31 14.99
CA GLN A 77 3.50 10.15 16.35
C GLN A 77 4.49 9.01 16.50
N GLU A 78 4.29 7.91 15.77
CA GLU A 78 5.16 6.74 15.92
C GLU A 78 5.17 5.95 14.63
N ILE A 79 6.33 5.42 14.30
CA ILE A 79 6.50 4.47 13.19
C ILE A 79 6.78 3.12 13.84
N ILE A 80 5.94 2.11 13.58
CA ILE A 80 6.09 0.77 14.14
C ILE A 80 6.43 -0.18 13.01
N ILE A 81 7.69 -0.56 12.90
CA ILE A 81 8.14 -1.48 11.89
C ILE A 81 8.15 -2.88 12.45
N HIS A 82 7.72 -3.89 11.68
CA HIS A 82 7.77 -5.29 12.12
C HIS A 82 9.20 -5.65 12.56
N ASP A 83 9.34 -6.27 13.72
CA ASP A 83 10.67 -6.55 14.26
C ASP A 83 11.48 -7.54 13.42
N GLN A 84 10.87 -8.28 12.50
CA GLN A 84 11.61 -9.19 11.64
C GLN A 84 11.95 -8.59 10.29
N TYR A 85 11.52 -7.33 10.01
CA TYR A 85 11.83 -6.71 8.73
C TYR A 85 13.34 -6.44 8.56
N LYS A 86 13.86 -6.71 7.35
CA LYS A 86 15.25 -6.45 6.95
C LYS A 86 15.30 -5.70 5.58
N MET A 87 14.62 -6.23 4.55
CA MET A 87 14.55 -5.65 3.20
C MET A 87 13.24 -6.09 2.55
N ALA A 88 12.68 -5.29 1.63
CA ALA A 88 11.37 -5.61 1.04
C ALA A 88 11.27 -7.05 0.51
N GLU A 89 12.29 -7.46 -0.25
CA GLU A 89 12.27 -8.74 -0.92
C GLU A 89 12.31 -9.95 0.01
N SER A 90 12.83 -9.73 1.25
N SER A 90 12.60 -9.80 1.31
CA SER A 90 12.98 -10.73 2.31
CA SER A 90 12.58 -10.97 2.19
C SER A 90 11.78 -10.76 3.30
C SER A 90 11.27 -11.19 2.95
N GLY A 91 10.68 -10.08 2.95
N GLY A 91 10.38 -10.24 2.91
CA GLY A 91 9.44 -10.18 3.70
CA GLY A 91 9.13 -10.32 3.64
C GLY A 91 9.29 -9.33 4.94
C GLY A 91 9.15 -9.39 4.83
N TYR A 92 8.13 -9.50 5.64
CA TYR A 92 7.87 -8.67 6.83
C TYR A 92 7.81 -7.18 6.45
N ASP A 93 7.41 -6.89 5.20
CA ASP A 93 7.40 -5.52 4.71
C ASP A 93 6.08 -4.87 5.13
N ILE A 94 6.02 -4.49 6.40
CA ILE A 94 4.79 -4.01 7.02
C ILE A 94 5.16 -3.07 8.14
N ALA A 95 4.41 -1.96 8.22
CA ALA A 95 4.62 -0.97 9.26
C ALA A 95 3.28 -0.30 9.57
N LEU A 96 3.15 0.17 10.80
CA LEU A 96 2.04 0.99 11.21
C LEU A 96 2.52 2.40 11.50
N LEU A 97 1.74 3.39 11.13
CA LEU A 97 1.95 4.77 11.58
C LEU A 97 0.85 5.11 12.54
N LYS A 98 1.21 5.55 13.74
CA LYS A 98 0.24 6.08 14.68
C LYS A 98 0.24 7.59 14.43
N LEU A 99 -0.93 8.17 14.14
CA LEU A 99 -1.06 9.59 13.87
C LEU A 99 -1.15 10.39 15.15
N GLU A 100 -0.81 11.68 15.03
CA GLU A 100 -0.85 12.61 16.17
C GLU A 100 -2.26 12.96 16.62
N THR A 101 -3.26 12.74 15.78
CA THR A 101 -4.65 13.00 16.13
C THR A 101 -5.51 12.04 15.31
N THR A 102 -6.81 12.05 15.56
CA THR A 102 -7.72 11.13 14.90
C THR A 102 -8.25 11.67 13.61
N VAL A 103 -8.53 10.77 12.71
CA VAL A 103 -9.13 11.03 11.41
C VAL A 103 -10.65 11.01 11.58
N ASN A 104 -11.31 12.11 11.23
CA ASN A 104 -12.77 12.17 11.21
C ASN A 104 -13.21 11.54 9.90
N TYR A 105 -14.10 10.55 9.94
CA TYR A 105 -14.45 9.83 8.72
C TYR A 105 -15.49 10.56 7.91
N THR A 106 -15.27 10.66 6.59
CA THR A 106 -16.14 11.30 5.63
C THR A 106 -16.13 10.45 4.33
N ASP A 107 -16.88 10.88 3.29
N ASP A 107 -16.88 10.84 3.28
CA ASP A 107 -16.88 10.26 1.98
CA ASP A 107 -16.81 10.08 2.03
C ASP A 107 -15.50 10.21 1.34
C ASP A 107 -15.40 10.11 1.39
N SER A 108 -14.55 11.07 1.77
CA SER A 108 -13.20 11.05 1.19
CA SER A 108 -13.19 11.16 1.24
C SER A 108 -12.13 10.48 2.09
N GLN A 109 -12.46 10.08 3.32
CA GLN A 109 -11.46 9.47 4.18
C GLN A 109 -12.13 8.56 5.19
N ARG A 110 -11.88 7.27 5.06
CA ARG A 110 -12.46 6.30 5.99
C ARG A 110 -11.62 5.04 5.96
N PRO A 111 -11.74 4.18 6.98
CA PRO A 111 -10.91 2.98 7.02
CA PRO A 111 -10.91 2.98 7.02
C PRO A 111 -11.39 1.87 6.09
N ILE A 112 -10.47 0.99 5.75
CA ILE A 112 -10.73 -0.24 5.05
C ILE A 112 -10.61 -1.39 6.06
N SER A 113 -11.56 -2.33 6.01
CA SER A 113 -11.52 -3.50 6.86
CA SER A 113 -11.56 -3.52 6.83
C SER A 113 -10.35 -4.42 6.50
N LEU A 114 -9.84 -5.13 7.50
CA LEU A 114 -8.82 -6.13 7.23
C LEU A 114 -9.54 -7.39 6.68
N PRO A 115 -8.84 -8.36 6.10
CA PRO A 115 -9.48 -9.63 5.70
C PRO A 115 -10.09 -10.25 6.95
N SER A 116 -11.35 -10.68 6.83
CA SER A 116 -12.11 -11.06 7.99
C SER A 116 -11.69 -12.37 8.57
N LYS A 117 -11.79 -12.49 9.88
CA LYS A 117 -11.57 -13.77 10.56
C LYS A 117 -12.65 -14.77 10.08
N GLY A 118 -12.22 -15.94 9.64
CA GLY A 118 -13.12 -16.94 9.10
C GLY A 118 -13.15 -17.01 7.58
N ASP A 119 -12.51 -16.03 6.89
CA ASP A 119 -12.55 -15.96 5.44
C ASP A 119 -11.36 -16.62 4.74
N ARG A 120 -10.70 -17.60 5.38
CA ARG A 120 -9.57 -18.31 4.75
C ARG A 120 -9.92 -18.86 3.37
N ASN A 121 -11.12 -19.45 3.22
CA ASN A 121 -11.47 -20.09 1.95
C ASN A 121 -12.04 -19.14 0.91
N VAL A 122 -12.19 -17.85 1.23
CA VAL A 122 -12.66 -16.89 0.23
C VAL A 122 -11.65 -16.71 -0.91
N ILE A 123 -12.12 -16.80 -2.15
CA ILE A 123 -11.29 -16.58 -3.32
C ILE A 123 -11.56 -15.15 -3.80
N TYR A 124 -10.55 -14.26 -3.74
CA TYR A 124 -10.74 -12.86 -4.14
C TYR A 124 -10.56 -12.69 -5.62
N THR A 125 -11.62 -12.32 -6.34
CA THR A 125 -11.58 -12.13 -7.79
C THR A 125 -11.73 -10.68 -8.23
N ASP A 126 -11.84 -9.73 -7.31
CA ASP A 126 -12.04 -8.33 -7.67
C ASP A 126 -11.08 -7.47 -6.86
N CYS A 127 -9.81 -7.47 -7.29
CA CYS A 127 -8.71 -6.81 -6.57
C CYS A 127 -8.14 -5.68 -7.38
N TRP A 128 -7.85 -4.58 -6.69
CA TRP A 128 -7.36 -3.36 -7.32
C TRP A 128 -6.16 -2.81 -6.60
N VAL A 129 -5.18 -2.33 -7.35
CA VAL A 129 -4.00 -1.68 -6.81
C VAL A 129 -4.08 -0.21 -7.18
N THR A 130 -3.78 0.67 -6.22
CA THR A 130 -3.91 2.10 -6.41
C THR A 130 -2.68 2.84 -5.94
N GLY A 131 -2.45 4.02 -6.50
CA GLY A 131 -1.33 4.85 -6.09
C GLY A 131 -0.96 5.95 -7.03
N TRP A 132 -0.04 6.78 -6.56
CA TRP A 132 0.51 7.89 -7.34
C TRP A 132 1.89 7.56 -7.91
N GLY A 133 2.25 6.28 -7.96
CA GLY A 133 3.55 5.88 -8.42
C GLY A 133 3.76 6.03 -9.91
N TYR A 134 4.96 5.68 -10.31
CA TYR A 134 5.42 5.76 -11.69
C TYR A 134 4.55 4.92 -12.59
N ARG A 135 4.48 5.32 -13.88
CA ARG A 135 3.78 4.53 -14.89
C ARG A 135 4.72 3.51 -15.57
N LYS A 136 6.02 3.56 -15.27
CA LYS A 136 7.10 2.68 -15.74
C LYS A 136 8.38 3.01 -14.96
N LEU A 137 9.42 2.17 -15.06
CA LEU A 137 10.67 2.32 -14.32
C LEU A 137 11.29 3.71 -14.37
N ARG A 138 11.31 4.33 -15.56
CA ARG A 138 11.88 5.67 -15.68
C ARG A 138 10.74 6.66 -15.83
N ASP A 139 10.22 7.17 -14.69
CA ASP A 139 9.11 8.08 -14.74
C ASP A 139 9.13 9.07 -13.53
N LYS A 140 7.98 9.57 -13.11
CA LYS A 140 7.83 10.50 -12.01
C LYS A 140 6.51 10.19 -11.30
N ILE A 141 6.32 10.76 -10.10
CA ILE A 141 5.08 10.63 -9.33
C ILE A 141 3.95 11.27 -10.14
N GLN A 142 2.84 10.57 -10.24
CA GLN A 142 1.68 11.00 -10.98
C GLN A 142 0.81 11.92 -10.18
N ASN A 143 0.14 12.84 -10.87
CA ASN A 143 -0.72 13.78 -10.20
C ASN A 143 -1.99 13.11 -9.67
N THR A 144 -2.74 12.45 -10.53
CA THR A 144 -4.00 11.86 -10.14
C THR A 144 -3.85 10.45 -9.71
N LEU A 145 -4.46 10.10 -8.57
CA LEU A 145 -4.43 8.73 -8.04
C LEU A 145 -4.91 7.73 -9.11
N GLN A 146 -4.08 6.77 -9.42
CA GLN A 146 -4.36 5.78 -10.45
C GLN A 146 -4.86 4.49 -9.84
N LYS A 147 -5.64 3.73 -10.62
CA LYS A 147 -6.16 2.43 -10.22
C LYS A 147 -5.95 1.42 -11.34
N ALA A 148 -5.79 0.16 -10.97
CA ALA A 148 -5.71 -0.93 -11.94
C ALA A 148 -6.23 -2.19 -11.29
N LYS A 149 -7.05 -2.95 -12.01
CA LYS A 149 -7.55 -4.23 -11.56
C LYS A 149 -6.48 -5.27 -11.91
N ILE A 150 -6.08 -6.08 -10.95
CA ILE A 150 -5.03 -7.08 -11.18
C ILE A 150 -5.48 -8.39 -10.60
N PRO A 151 -5.31 -9.50 -11.33
CA PRO A 151 -5.69 -10.81 -10.78
C PRO A 151 -4.62 -11.37 -9.87
N LEU A 152 -5.04 -12.02 -8.77
CA LEU A 152 -4.10 -12.75 -7.96
C LEU A 152 -3.56 -13.94 -8.73
N VAL A 153 -2.32 -14.31 -8.44
CA VAL A 153 -1.74 -15.53 -8.97
C VAL A 153 -1.38 -16.40 -7.77
N THR A 154 -1.34 -17.71 -7.94
CA THR A 154 -1.01 -18.54 -6.78
C THR A 154 0.43 -18.32 -6.33
N ASN A 155 0.70 -18.61 -5.07
CA ASN A 155 2.07 -18.56 -4.58
C ASN A 155 2.95 -19.58 -5.30
N GLU A 156 2.39 -20.74 -5.68
CA GLU A 156 3.15 -21.75 -6.43
C GLU A 156 3.63 -21.18 -7.77
N GLU A 157 2.73 -20.50 -8.50
CA GLU A 157 3.12 -19.88 -9.76
C GLU A 157 4.10 -18.74 -9.52
N CYS A 158 3.84 -17.91 -8.51
CA CYS A 158 4.71 -16.80 -8.19
C CYS A 158 6.13 -17.25 -7.88
N GLN A 159 6.28 -18.34 -7.13
CA GLN A 159 7.60 -18.84 -6.79
C GLN A 159 8.35 -19.28 -8.07
N LYS A 160 7.64 -19.86 -9.05
CA LYS A 160 8.28 -20.26 -10.30
C LYS A 160 8.81 -19.06 -11.10
N ARG A 161 8.22 -17.88 -10.92
CA ARG A 161 8.67 -16.66 -11.59
C ARG A 161 9.81 -15.98 -10.86
N TYR A 162 10.04 -16.31 -9.58
CA TYR A 162 11.04 -15.69 -8.72
C TYR A 162 11.91 -16.78 -8.09
N ARG A 163 12.56 -17.59 -8.91
CA ARG A 163 13.33 -18.71 -8.40
CA ARG A 163 13.39 -18.70 -8.46
C ARG A 163 14.54 -18.30 -7.55
N GLY A 164 14.95 -17.05 -7.63
CA GLY A 164 16.06 -16.57 -6.82
C GLY A 164 15.63 -16.01 -5.48
N HIS A 165 14.31 -16.01 -5.20
CA HIS A 165 13.77 -15.48 -3.96
C HIS A 165 12.95 -16.54 -3.25
N LYS A 166 12.69 -16.34 -1.98
CA LYS A 166 11.81 -17.18 -1.21
C LYS A 166 10.43 -16.55 -1.15
N ILE A 167 9.47 -17.06 -1.92
CA ILE A 167 8.11 -16.57 -1.84
C ILE A 167 7.40 -17.37 -0.77
N THR A 168 6.97 -16.71 0.30
CA THR A 168 6.37 -17.41 1.43
C THR A 168 4.87 -17.12 1.48
N HIS A 169 4.14 -17.80 2.40
CA HIS A 169 2.73 -17.51 2.57
C HIS A 169 2.49 -16.19 3.28
N LYS A 170 3.55 -15.50 3.75
CA LYS A 170 3.40 -14.15 4.22
C LYS A 170 3.34 -13.13 3.06
N MET A 171 3.44 -13.61 1.81
CA MET A 171 3.37 -12.80 0.63
C MET A 171 2.22 -13.33 -0.21
N ILE A 172 1.73 -12.47 -1.09
N ILE A 172 1.72 -12.42 -1.07
CA ILE A 172 0.84 -12.87 -2.16
CA ILE A 172 0.67 -12.69 -2.06
C ILE A 172 1.36 -12.21 -3.43
C ILE A 172 1.07 -11.99 -3.39
N CYS A 173 0.90 -12.67 -4.56
CA CYS A 173 1.32 -12.11 -5.84
C CYS A 173 0.15 -11.81 -6.72
N ALA A 174 0.30 -10.81 -7.59
CA ALA A 174 -0.76 -10.43 -8.49
C ALA A 174 -0.16 -9.84 -9.75
N GLY A 175 -0.66 -10.27 -10.89
CA GLY A 175 -0.20 -9.75 -12.17
C GLY A 175 -0.80 -10.51 -13.32
N TYR A 176 -0.68 -9.95 -14.50
CA TYR A 176 -1.13 -10.61 -15.73
C TYR A 176 0.05 -11.36 -16.31
N ARG A 177 -0.19 -12.49 -16.98
CA ARG A 177 0.89 -13.26 -17.63
C ARG A 177 1.67 -12.38 -18.62
N GLU A 178 0.97 -11.56 -19.40
CA GLU A 178 1.63 -10.69 -20.38
C GLU A 178 1.95 -9.30 -19.85
N GLY A 179 1.84 -9.11 -18.52
CA GLY A 179 2.15 -7.85 -17.88
C GLY A 179 1.18 -6.76 -18.29
N GLY A 180 1.66 -5.52 -18.24
CA GLY A 180 0.84 -4.40 -18.68
C GLY A 180 0.18 -3.58 -17.59
N LYS A 181 -0.18 -4.22 -16.47
CA LYS A 181 -0.78 -3.55 -15.30
C LYS A 181 -0.04 -3.98 -14.07
N ASP A 182 0.37 -3.05 -13.22
CA ASP A 182 1.13 -3.39 -12.01
C ASP A 182 1.38 -2.12 -11.21
N ALA A 183 1.89 -2.27 -10.00
CA ALA A 183 2.36 -1.17 -9.19
C ALA A 183 3.82 -0.87 -9.64
N CYS A 184 4.30 0.33 -9.29
CA CYS A 184 5.67 0.73 -9.59
C CYS A 184 6.15 1.71 -8.53
N LYS A 185 7.35 2.27 -8.69
CA LYS A 185 7.94 3.16 -7.68
C LYS A 185 7.01 4.28 -7.23
N GLY A 186 6.82 4.39 -5.95
CA GLY A 186 5.90 5.37 -5.37
C GLY A 186 4.58 4.76 -4.93
N ASP A 187 4.27 3.52 -5.40
CA ASP A 187 3.03 2.85 -5.01
C ASP A 187 3.19 2.02 -3.76
N ALA A 188 4.44 1.67 -3.36
CA ALA A 188 4.60 0.78 -2.19
C ALA A 188 3.96 1.35 -0.97
N GLY A 189 3.46 0.46 -0.14
CA GLY A 189 2.79 0.86 1.09
C GLY A 189 1.30 1.04 0.92
N GLY A 190 0.85 1.28 -0.32
CA GLY A 190 -0.56 1.39 -0.60
C GLY A 190 -1.24 0.03 -0.60
N PRO A 191 -2.57 0.07 -0.77
CA PRO A 191 -3.36 -1.15 -0.72
C PRO A 191 -3.46 -1.93 -1.99
N LEU A 192 -3.67 -3.24 -1.83
CA LEU A 192 -4.26 -4.15 -2.80
C LEU A 192 -5.63 -4.45 -2.16
N SER A 193 -6.67 -3.80 -2.69
CA SER A 193 -8.00 -3.82 -2.08
C SER A 193 -8.87 -4.78 -2.87
N CYS A 194 -9.55 -5.70 -2.20
CA CYS A 194 -10.41 -6.66 -2.90
C CYS A 194 -11.81 -6.57 -2.37
N LYS A 195 -12.80 -6.55 -3.27
CA LYS A 195 -14.20 -6.42 -2.86
C LYS A 195 -14.86 -7.78 -2.82
N HIS A 196 -15.51 -8.13 -1.70
CA HIS A 196 -16.17 -9.44 -1.54
C HIS A 196 -17.49 -9.20 -0.83
N ASN A 197 -18.60 -9.61 -1.46
CA ASN A 197 -19.93 -9.34 -0.90
C ASN A 197 -20.15 -7.85 -0.66
N GLU A 198 -19.64 -7.02 -1.61
CA GLU A 198 -19.79 -5.59 -1.61
C GLU A 198 -19.10 -4.88 -0.44
N VAL A 199 -18.07 -5.53 0.13
CA VAL A 199 -17.27 -4.93 1.18
C VAL A 199 -15.81 -5.01 0.74
N TRP A 200 -15.10 -3.89 0.81
CA TRP A 200 -13.69 -3.88 0.48
C TRP A 200 -12.85 -4.36 1.66
N HIS A 201 -11.84 -5.16 1.36
CA HIS A 201 -10.89 -5.66 2.34
C HIS A 201 -9.48 -5.39 1.91
N LEU A 202 -8.62 -5.09 2.88
CA LEU A 202 -7.21 -4.82 2.62
C LEU A 202 -6.45 -6.15 2.58
N VAL A 203 -6.36 -6.73 1.38
CA VAL A 203 -5.76 -8.04 1.22
C VAL A 203 -4.24 -7.98 1.13
N GLY A 204 -3.70 -6.97 0.47
CA GLY A 204 -2.26 -6.86 0.33
C GLY A 204 -1.75 -5.46 0.58
N ILE A 205 -0.44 -5.36 0.80
CA ILE A 205 0.27 -4.09 0.84
C ILE A 205 1.28 -4.15 -0.28
N THR A 206 1.28 -3.15 -1.17
CA THR A 206 2.23 -3.11 -2.27
C THR A 206 3.66 -3.11 -1.74
N SER A 207 4.49 -4.04 -2.26
CA SER A 207 5.83 -4.22 -1.70
C SER A 207 6.95 -4.19 -2.73
N TRP A 208 7.04 -5.17 -3.63
CA TRP A 208 8.15 -5.23 -4.57
C TRP A 208 7.82 -6.06 -5.78
N GLY A 209 8.76 -6.14 -6.70
CA GLY A 209 8.67 -7.02 -7.86
C GLY A 209 9.89 -6.82 -8.73
N GLU A 210 9.99 -7.61 -9.79
CA GLU A 210 11.10 -7.45 -10.75
C GLU A 210 10.62 -6.54 -11.87
N GLY A 211 11.12 -5.32 -11.91
CA GLY A 211 10.65 -4.34 -12.87
C GLY A 211 9.23 -3.91 -12.52
N CYS A 212 8.50 -3.38 -13.51
CA CYS A 212 7.12 -2.98 -13.33
C CYS A 212 6.36 -3.43 -14.56
N ALA A 213 5.32 -4.26 -14.35
CA ALA A 213 4.43 -4.75 -15.39
C ALA A 213 5.09 -5.56 -16.48
N GLN A 214 6.20 -6.23 -16.14
CA GLN A 214 6.88 -7.09 -17.09
C GLN A 214 6.14 -8.41 -17.19
N ARG A 215 6.22 -9.06 -18.36
CA ARG A 215 5.56 -10.35 -18.54
C ARG A 215 6.12 -11.40 -17.56
N GLU A 216 5.23 -12.22 -17.03
CA GLU A 216 5.59 -13.31 -16.14
C GLU A 216 6.38 -12.87 -14.90
N ARG A 217 6.18 -11.62 -14.46
CA ARG A 217 6.83 -11.15 -13.24
C ARG A 217 5.78 -10.39 -12.42
N PRO A 218 4.94 -11.14 -11.70
CA PRO A 218 3.88 -10.49 -10.95
C PRO A 218 4.40 -9.63 -9.81
N GLY A 219 3.59 -8.67 -9.41
CA GLY A 219 3.90 -7.87 -8.24
C GLY A 219 3.77 -8.72 -7.00
N VAL A 220 4.62 -8.45 -6.01
CA VAL A 220 4.64 -9.17 -4.74
C VAL A 220 4.16 -8.21 -3.66
N TYR A 221 3.21 -8.68 -2.85
CA TYR A 221 2.53 -7.88 -1.84
C TYR A 221 2.64 -8.57 -0.48
N THR A 222 2.64 -7.78 0.59
CA THR A 222 2.54 -8.33 1.93
C THR A 222 1.14 -8.92 2.09
N ASN A 223 1.04 -10.18 2.54
CA ASN A 223 -0.24 -10.85 2.72
C ASN A 223 -0.83 -10.46 4.07
N VAL A 224 -1.71 -9.46 4.08
CA VAL A 224 -2.20 -8.84 5.29
C VAL A 224 -2.81 -9.82 6.27
N VAL A 225 -3.58 -10.82 5.80
CA VAL A 225 -4.24 -11.75 6.73
C VAL A 225 -3.25 -12.47 7.63
N GLU A 226 -2.00 -12.67 7.16
CA GLU A 226 -1.00 -13.36 7.97
C GLU A 226 -0.40 -12.45 9.03
N TYR A 227 -0.78 -11.19 9.10
CA TYR A 227 -0.29 -10.25 10.07
C TYR A 227 -1.40 -9.72 10.97
N VAL A 228 -2.63 -10.30 10.94
CA VAL A 228 -3.70 -9.75 11.75
C VAL A 228 -3.38 -9.79 13.25
N ASP A 229 -2.75 -10.85 13.76
CA ASP A 229 -2.45 -10.90 15.21
C ASP A 229 -1.50 -9.71 15.56
N TRP A 230 -0.51 -9.48 14.71
CA TRP A 230 0.46 -8.41 14.90
C TRP A 230 -0.19 -7.04 14.85
N ILE A 231 -1.05 -6.82 13.84
CA ILE A 231 -1.73 -5.53 13.70
C ILE A 231 -2.63 -5.28 14.91
N LEU A 232 -3.45 -6.27 15.29
CA LEU A 232 -4.35 -6.11 16.41
C LEU A 232 -3.61 -5.86 17.70
N GLU A 233 -2.46 -6.51 17.91
CA GLU A 233 -1.69 -6.32 19.12
C GLU A 233 -1.16 -4.89 19.17
N LYS A 234 -0.65 -4.36 18.05
CA LYS A 234 -0.10 -2.99 18.04
C LYS A 234 -1.19 -1.93 18.16
N THR A 235 -2.38 -2.17 17.60
CA THR A 235 -3.44 -1.16 17.62
C THR A 235 -4.40 -1.25 18.80
N GLN A 236 -4.24 -2.24 19.69
CA GLN A 236 -5.13 -2.34 20.86
C GLN A 236 -4.78 -1.30 21.92
S SO4 B . -18.46 3.27 -6.92
O1 SO4 B . -17.02 3.59 -6.82
O2 SO4 B . -18.83 2.40 -5.80
O3 SO4 B . -19.23 4.51 -6.87
O4 SO4 B . -18.74 2.55 -8.16
S SO4 C . -9.08 -17.40 8.72
O1 SO4 C . -9.39 -16.56 9.89
O2 SO4 C . -8.10 -18.44 9.07
O3 SO4 C . -8.51 -16.56 7.65
O4 SO4 C . -10.34 -18.03 8.24
S SO4 D . 6.73 -16.38 11.83
O1 SO4 D . 8.15 -16.25 12.12
O2 SO4 D . 5.95 -16.22 13.04
O3 SO4 D . 6.39 -15.31 10.91
O4 SO4 D . 6.46 -17.69 11.21
S DMS E . 0.08 -22.46 -3.02
O DMS E . 0.10 -21.77 -4.32
C1 DMS E . -0.19 -21.35 -1.71
C2 DMS E . 1.64 -23.15 -2.68
S DMS F . -5.47 -15.27 -0.16
O DMS F . -6.51 -14.76 0.74
C1 DMS F . -4.01 -15.32 0.80
C2 DMS F . -5.14 -13.85 -1.17
S DMS G . -7.14 16.82 10.71
O DMS G . -5.73 16.96 10.19
C1 DMS G . -7.85 18.39 10.29
C2 DMS G . -7.09 17.02 12.43
S DMS H . -17.78 -12.30 -4.07
O DMS H . -18.66 -11.15 -3.83
C1 DMS H . -17.28 -12.14 -5.75
C2 DMS H . -18.85 -13.71 -4.23
S DMS I . -16.69 3.98 -1.86
O DMS I . -17.93 3.12 -1.78
C1 DMS I . -16.67 4.54 -3.54
C2 DMS I . -15.39 2.80 -1.99
NA NA J . 0.57 -11.74 13.00
C1 J7B K . 11.47 1.26 -6.27
C2 J7B K . 10.25 0.57 -6.15
C3 J7B K . 9.68 -0.07 -7.25
C11 J7B K . 10.48 4.07 -0.98
C12 J7B K . 11.66 3.95 -0.24
C13 J7B K . 12.73 3.21 -0.75
C14 J7B K . 12.61 2.56 -1.97
C15 J7B K . 9.05 3.63 -3.01
C16 J7B K . 8.32 2.36 -3.35
C19 J7B K . 8.43 -0.85 -7.09
C21 J7B K . 8.20 -2.00 -7.84
C22 J7B K . 7.03 -2.74 -7.65
C23 J7B K . 6.11 -2.35 -6.68
C24 J7B K . 6.31 -1.20 -5.93
C25 J7B K . 7.49 -0.47 -6.12
C26 J7B K . 6.80 -4.03 -8.44
C4 J7B K . 10.35 -0.04 -8.49
C5 J7B K . 11.56 0.64 -8.59
C6 J7B K . 12.11 1.32 -7.52
C7 J7B K . 12.02 2.02 -5.08
N8 J7B K . 11.26 2.06 -3.96
C9 J7B K . 11.45 2.73 -2.74
C10 J7B K . 10.36 3.44 -2.22
O17 J7B K . 8.75 1.23 -3.17
O18 J7B K . 7.17 2.58 -3.97
O20 J7B K . 13.11 2.56 -5.15
N27 J7B K . 6.21 -3.81 -9.76
#